data_2J7Y
#
_entry.id   2J7Y
#
_cell.length_a   62.640
_cell.length_b   62.640
_cell.length_c   171.640
_cell.angle_alpha   90.00
_cell.angle_beta   90.00
_cell.angle_gamma   90.00
#
_symmetry.space_group_name_H-M   'P 41 2 2'
#
loop_
_entity.id
_entity.type
_entity.pdbx_description
1 polymer 'ESTROGEN RECEPTOR BETA'
2 polymer 'NUCLEAR RECEPTOR COACTIVATOR 5'
3 non-polymer (16ALPHA,17ALPHA)-ESTRA-1,3,5(10)-TRIENE-3,16,17-TRIOL
4 non-polymer 1,2-ETHANEDIOL
5 non-polymer 'BICARBONATE ION'
6 non-polymer 'SULFATE ION'
7 water water
#
loop_
_entity_poly.entity_id
_entity_poly.type
_entity_poly.pdbx_seq_one_letter_code
_entity_poly.pdbx_strand_id
1 'polypeptide(L)'
;VKELLLSTLSPEQLVLTLLEAEPPNVLVSRPSMPFTEASMMMSLTKLADKELVHMIGWAKKIPGFVELSLLDQVRLLESC
WMEVLMVGLMWRSIDHPGKLIFAPDLVLDRDEGKCVEGILEIFDMLLATTSRFRELKLQHKEYLCVKAMILLNSSMYPLA
SANQEAESSRKLTHLLNAVTDALVWVIAKSGISSQQQSVRLANLLMLLSHVRHISNKGMEHLLSMKCKNVVPVYDLLLEM
LNAHTLRGYKSSISG
;
A
2 'polypeptide(L)' HPPAIQSLINLLADNRY B
#
# COMPACT_ATOMS: atom_id res chain seq x y z
N THR A 8 -23.96 6.42 -8.39
CA THR A 8 -22.48 6.31 -8.54
C THR A 8 -21.86 7.64 -9.01
N LEU A 9 -20.59 7.82 -8.67
CA LEU A 9 -19.78 8.94 -9.15
C LEU A 9 -19.28 8.66 -10.55
N SER A 10 -18.96 9.69 -11.31
CA SER A 10 -18.25 9.51 -12.56
C SER A 10 -16.82 9.06 -12.27
N PRO A 11 -16.12 8.51 -13.29
CA PRO A 11 -14.72 8.19 -13.03
C PRO A 11 -13.88 9.41 -12.65
N GLU A 12 -14.07 10.55 -13.31
CA GLU A 12 -13.33 11.75 -12.91
C GLU A 12 -13.65 12.13 -11.46
N GLN A 13 -14.92 12.04 -11.07
CA GLN A 13 -15.31 12.33 -9.69
C GLN A 13 -14.64 11.38 -8.71
N LEU A 14 -14.60 10.10 -9.05
CA LEU A 14 -13.98 9.10 -8.17
C LEU A 14 -12.47 9.35 -8.00
N VAL A 15 -11.79 9.60 -9.10
CA VAL A 15 -10.35 9.86 -9.00
C VAL A 15 -10.05 11.12 -8.15
N LEU A 16 -10.82 12.19 -8.34
CA LEU A 16 -10.66 13.38 -7.50
C LEU A 16 -10.95 13.10 -6.02
N THR A 17 -11.89 12.20 -5.73
CA THR A 17 -12.13 11.80 -4.35
C THR A 17 -10.92 11.08 -3.75
N LEU A 18 -10.31 10.21 -4.54
CA LEU A 18 -9.09 9.50 -4.14
C LEU A 18 -7.95 10.49 -3.92
N LEU A 19 -7.83 11.49 -4.77
CA LEU A 19 -6.78 12.49 -4.57
C LEU A 19 -6.95 13.15 -3.19
N GLU A 20 -8.15 13.57 -2.88
CA GLU A 20 -8.33 14.36 -1.66
C GLU A 20 -8.24 13.51 -0.39
N ALA A 21 -8.40 12.19 -0.55
CA ALA A 21 -8.24 11.24 0.56
C ALA A 21 -6.78 11.01 0.96
N GLU A 22 -5.84 11.49 0.15
CA GLU A 22 -4.44 11.18 0.36
C GLU A 22 -4.03 11.56 1.78
N PRO A 23 -3.29 10.66 2.45
CA PRO A 23 -2.89 10.94 3.82
C PRO A 23 -1.78 11.99 3.95
N PRO A 24 -1.65 12.61 5.14
CA PRO A 24 -0.50 13.45 5.40
C PRO A 24 0.78 12.64 5.32
N ASN A 25 1.87 13.31 5.01
CA ASN A 25 3.16 12.69 5.08
C ASN A 25 3.68 12.71 6.51
N VAL A 26 4.58 11.77 6.79
CA VAL A 26 5.15 11.62 8.10
C VAL A 26 6.66 11.70 8.00
N LEU A 27 7.26 12.09 9.10
CA LEU A 27 8.71 12.19 9.24
C LEU A 27 9.10 11.26 10.37
N VAL A 28 10.24 10.61 10.23
CA VAL A 28 10.69 9.63 11.23
C VAL A 28 11.29 10.35 12.43
N SER A 29 12.39 11.08 12.20
CA SER A 29 13.12 11.75 13.29
C SER A 29 14.56 12.12 12.87
N PHE A 35 23.61 3.84 11.08
CA PHE A 35 22.60 2.84 11.43
C PHE A 35 23.23 1.61 12.07
N THR A 36 22.51 1.01 13.01
CA THR A 36 22.75 -0.38 13.41
C THR A 36 21.54 -1.20 12.94
N GLU A 37 21.58 -2.51 13.15
CA GLU A 37 20.40 -3.32 12.86
C GLU A 37 19.20 -2.83 13.68
N ALA A 38 19.46 -2.57 14.96
CA ALA A 38 18.43 -2.07 15.88
C ALA A 38 17.86 -0.71 15.47
N SER A 39 18.74 0.25 15.17
CA SER A 39 18.30 1.61 14.87
C SER A 39 17.59 1.74 13.52
N MET A 40 17.99 0.95 12.51
CA MET A 40 17.25 0.94 11.23
C MET A 40 15.86 0.36 11.44
N MET A 41 15.76 -0.77 12.14
CA MET A 41 14.44 -1.36 12.39
C MET A 41 13.55 -0.49 13.29
N MET A 42 14.17 0.21 14.25
CA MET A 42 13.43 1.14 15.08
C MET A 42 12.82 2.25 14.25
N SER A 43 13.64 2.85 13.40
CA SER A 43 13.15 3.88 12.46
C SER A 43 12.04 3.39 11.55
N LEU A 44 12.21 2.20 10.98
CA LEU A 44 11.25 1.67 10.02
C LEU A 44 9.95 1.30 10.71
N THR A 45 10.03 0.71 11.90
CA THR A 45 8.82 0.36 12.65
C THR A 45 8.08 1.62 13.17
N LYS A 46 8.82 2.60 13.67
CA LYS A 46 8.19 3.86 14.07
C LYS A 46 7.46 4.53 12.90
N LEU A 47 8.09 4.50 11.72
CA LEU A 47 7.50 4.99 10.49
C LEU A 47 6.19 4.27 10.15
N ALA A 48 6.23 2.94 10.17
CA ALA A 48 5.05 2.16 9.82
C ALA A 48 3.89 2.48 10.76
N ASP A 49 4.15 2.56 12.05
CA ASP A 49 3.09 2.85 13.01
C ASP A 49 2.43 4.21 12.74
N LYS A 50 3.25 5.22 12.43
CA LYS A 50 2.74 6.55 12.14
C LYS A 50 1.88 6.53 10.87
N GLU A 51 2.38 5.88 9.81
CA GLU A 51 1.64 5.75 8.57
C GLU A 51 0.35 4.97 8.72
N LEU A 52 0.35 3.97 9.58
CA LEU A 52 -0.85 3.14 9.79
C LEU A 52 -2.00 3.96 10.35
N VAL A 53 -1.69 4.86 11.29
CA VAL A 53 -2.73 5.71 11.87
C VAL A 53 -3.40 6.51 10.72
N HIS A 54 -2.58 7.11 9.87
CA HIS A 54 -3.10 7.89 8.73
C HIS A 54 -3.79 7.00 7.68
N MET A 55 -3.34 5.76 7.52
CA MET A 55 -3.96 4.84 6.57
C MET A 55 -5.43 4.59 6.88
N ILE A 56 -5.75 4.45 8.17
CA ILE A 56 -7.14 4.23 8.56
C ILE A 56 -8.00 5.41 8.17
N GLY A 57 -7.50 6.63 8.43
CA GLY A 57 -8.16 7.87 8.01
C GLY A 57 -8.40 7.94 6.51
N TRP A 58 -7.38 7.55 5.76
CA TRP A 58 -7.44 7.46 4.28
C TRP A 58 -8.53 6.48 3.84
N ALA A 59 -8.52 5.26 4.36
CA ALA A 59 -9.53 4.27 3.98
C ALA A 59 -10.95 4.80 4.18
N LYS A 60 -11.18 5.49 5.29
CA LYS A 60 -12.49 6.05 5.61
C LYS A 60 -13.00 7.10 4.59
N LYS A 61 -12.08 7.70 3.83
CA LYS A 61 -12.41 8.65 2.78
C LYS A 61 -12.66 8.05 1.40
N ILE A 62 -12.40 6.75 1.25
CA ILE A 62 -12.64 6.05 -0.02
C ILE A 62 -14.14 5.83 -0.11
N PRO A 63 -14.75 6.26 -1.23
CA PRO A 63 -16.22 6.17 -1.34
C PRO A 63 -16.75 4.78 -1.06
N GLY A 64 -17.67 4.72 -0.11
CA GLY A 64 -18.35 3.47 0.23
C GLY A 64 -17.71 2.68 1.36
N PHE A 65 -16.43 2.93 1.66
CA PHE A 65 -15.72 2.07 2.61
C PHE A 65 -16.42 1.99 3.95
N VAL A 66 -16.82 3.15 4.50
CA VAL A 66 -17.50 3.16 5.81
C VAL A 66 -18.93 2.60 5.79
N GLU A 67 -19.48 2.36 4.60
CA GLU A 67 -20.77 1.68 4.47
C GLU A 67 -20.65 0.15 4.53
N LEU A 68 -19.43 -0.36 4.46
CA LEU A 68 -19.19 -1.79 4.60
C LEU A 68 -19.39 -2.16 6.06
N SER A 69 -19.62 -3.45 6.34
CA SER A 69 -19.69 -3.91 7.73
C SER A 69 -18.37 -3.58 8.44
N LEU A 70 -18.43 -3.31 9.76
CA LEU A 70 -17.21 -3.00 10.55
C LEU A 70 -16.21 -4.18 10.41
N LEU A 71 -16.73 -5.41 10.46
CA LEU A 71 -15.85 -6.59 10.29
C LEU A 71 -15.09 -6.60 8.95
N ASP A 72 -15.79 -6.30 7.84
CA ASP A 72 -15.14 -6.16 6.53
C ASP A 72 -14.12 -5.03 6.51
N GLN A 73 -14.44 -3.91 7.16
CA GLN A 73 -13.48 -2.81 7.18
C GLN A 73 -12.19 -3.25 7.89
N VAL A 74 -12.36 -3.91 9.03
CA VAL A 74 -11.23 -4.42 9.77
C VAL A 74 -10.42 -5.45 8.95
N ARG A 75 -11.12 -6.43 8.37
CA ARG A 75 -10.44 -7.51 7.63
C ARG A 75 -9.74 -6.97 6.39
N LEU A 76 -10.35 -5.99 5.70
CA LEU A 76 -9.68 -5.41 4.52
C LEU A 76 -8.37 -4.76 4.92
N LEU A 77 -8.37 -3.97 5.98
CA LEU A 77 -7.16 -3.27 6.42
C LEU A 77 -6.10 -4.24 6.96
N GLU A 78 -6.53 -5.22 7.75
CA GLU A 78 -5.65 -6.32 8.21
C GLU A 78 -4.93 -7.02 7.05
N SER A 79 -5.65 -7.25 5.96
CA SER A 79 -5.11 -7.95 4.80
C SER A 79 -4.13 -7.12 4.00
N CYS A 80 -4.41 -5.83 3.82
CA CYS A 80 -3.68 -5.05 2.78
C CYS A 80 -2.66 -4.05 3.31
N TRP A 81 -2.59 -3.85 4.64
CA TRP A 81 -1.87 -2.68 5.13
C TRP A 81 -0.43 -2.60 4.62
N MET A 82 0.29 -3.71 4.62
CA MET A 82 1.69 -3.66 4.19
C MET A 82 1.81 -3.41 2.70
N GLU A 83 0.88 -3.95 1.92
CA GLU A 83 0.84 -3.62 0.49
C GLU A 83 0.64 -2.13 0.24
N VAL A 84 -0.29 -1.53 0.97
CA VAL A 84 -0.56 -0.11 0.84
C VAL A 84 0.68 0.72 1.22
N LEU A 85 1.32 0.37 2.34
CA LEU A 85 2.59 1.03 2.69
C LEU A 85 3.62 0.93 1.55
N MET A 86 3.77 -0.30 1.04
CA MET A 86 4.76 -0.58 0.00
C MET A 86 4.48 0.14 -1.31
N VAL A 87 3.23 0.21 -1.75
CA VAL A 87 2.96 0.92 -3.01
C VAL A 87 3.22 2.43 -2.83
N GLY A 88 2.97 2.96 -1.64
CA GLY A 88 3.29 4.35 -1.38
C GLY A 88 4.79 4.59 -1.46
N LEU A 89 5.57 3.69 -0.86
CA LEU A 89 7.04 3.74 -0.94
C LEU A 89 7.51 3.70 -2.39
N MET A 90 6.92 2.82 -3.18
CA MET A 90 7.31 2.71 -4.59
C MET A 90 7.03 4.00 -5.35
N TRP A 91 5.86 4.61 -5.11
CA TRP A 91 5.52 5.87 -5.72
C TRP A 91 6.46 7.00 -5.31
N ARG A 92 6.76 7.10 -4.02
CA ARG A 92 7.75 8.08 -3.56
C ARG A 92 9.14 7.90 -4.20
N SER A 93 9.47 6.65 -4.53
CA SER A 93 10.80 6.30 -5.01
C SER A 93 10.92 6.22 -6.53
N ILE A 94 9.81 6.40 -7.25
CA ILE A 94 9.74 6.02 -8.64
C ILE A 94 10.77 6.74 -9.51
N ASP A 95 11.10 7.97 -9.17
CA ASP A 95 12.04 8.73 -10.02
C ASP A 95 13.45 8.81 -9.46
N HIS A 96 13.77 7.90 -8.54
CA HIS A 96 15.11 7.87 -7.95
C HIS A 96 15.70 6.47 -7.90
N PRO A 97 16.24 6.04 -9.06
CA PRO A 97 16.88 4.74 -9.18
C PRO A 97 17.83 4.45 -8.03
N GLY A 98 17.71 3.25 -7.47
CA GLY A 98 18.61 2.78 -6.42
C GLY A 98 18.37 3.32 -5.02
N LYS A 99 17.29 4.07 -4.84
CA LYS A 99 16.98 4.69 -3.56
C LYS A 99 15.57 4.33 -3.16
N LEU A 100 15.38 4.12 -1.87
CA LEU A 100 14.05 3.93 -1.31
C LEU A 100 13.76 5.15 -0.44
N ILE A 101 12.75 5.92 -0.85
CA ILE A 101 12.40 7.14 -0.15
C ILE A 101 11.32 6.77 0.86
N PHE A 102 11.73 6.23 2.01
CA PHE A 102 10.77 5.81 3.04
C PHE A 102 10.01 7.01 3.59
N ALA A 103 10.73 8.10 3.80
CA ALA A 103 10.15 9.35 4.27
C ALA A 103 11.14 10.46 4.00
N PRO A 104 10.70 11.72 4.07
CA PRO A 104 11.71 12.76 4.06
C PRO A 104 12.64 12.57 5.26
N ASP A 105 13.94 12.64 5.02
CA ASP A 105 14.95 12.34 6.05
C ASP A 105 15.04 10.85 6.42
N LEU A 106 14.45 9.98 5.60
CA LEU A 106 14.76 8.56 5.65
C LEU A 106 14.83 8.04 4.22
N VAL A 107 15.89 8.44 3.54
CA VAL A 107 16.15 8.00 2.17
C VAL A 107 17.28 7.00 2.24
N LEU A 108 17.00 5.76 1.86
CA LEU A 108 17.97 4.66 1.99
C LEU A 108 18.50 4.22 0.63
N ASP A 109 19.83 4.14 0.53
CA ASP A 109 20.48 3.53 -0.62
C ASP A 109 20.33 2.01 -0.50
N ARG A 110 20.30 1.35 -1.63
CA ARG A 110 20.18 -0.11 -1.67
C ARG A 110 21.18 -0.79 -0.73
N ASP A 111 22.43 -0.33 -0.73
CA ASP A 111 23.52 -0.92 0.07
C ASP A 111 23.37 -0.78 1.58
N GLU A 112 22.51 0.13 2.03
CA GLU A 112 22.23 0.26 3.47
C GLU A 112 21.36 -0.89 4.00
N GLY A 113 20.85 -1.72 3.09
CA GLY A 113 20.12 -2.93 3.47
C GLY A 113 21.01 -3.99 4.09
N LYS A 114 22.33 -3.81 3.94
CA LYS A 114 23.29 -4.71 4.59
C LYS A 114 23.29 -4.55 6.13
N CYS A 115 22.74 -3.44 6.62
CA CYS A 115 22.61 -3.18 8.06
C CYS A 115 21.73 -4.19 8.79
N VAL A 116 20.68 -4.69 8.14
CA VAL A 116 19.72 -5.58 8.78
C VAL A 116 19.71 -6.95 8.12
N GLU A 117 19.83 -8.01 8.94
CA GLU A 117 19.74 -9.38 8.44
C GLU A 117 18.43 -9.54 7.67
N GLY A 118 18.54 -10.07 6.45
CA GLY A 118 17.38 -10.43 5.65
C GLY A 118 16.69 -9.27 4.94
N ILE A 119 17.10 -8.04 5.21
CA ILE A 119 16.37 -6.89 4.66
C ILE A 119 16.80 -6.58 3.22
N LEU A 120 18.04 -6.93 2.84
CA LEU A 120 18.54 -6.58 1.51
C LEU A 120 17.71 -7.23 0.39
N GLU A 121 17.35 -8.50 0.55
CA GLU A 121 16.49 -9.19 -0.40
C GLU A 121 15.17 -8.45 -0.60
N ILE A 122 14.61 -7.97 0.49
CA ILE A 122 13.35 -7.20 0.47
C ILE A 122 13.54 -5.84 -0.22
N PHE A 123 14.63 -5.14 0.11
CA PHE A 123 14.95 -3.87 -0.56
C PHE A 123 15.07 -4.08 -2.07
N ASP A 124 15.75 -5.16 -2.47
CA ASP A 124 15.94 -5.39 -3.89
C ASP A 124 14.63 -5.65 -4.59
N MET A 125 13.75 -6.39 -3.93
CA MET A 125 12.41 -6.64 -4.49
C MET A 125 11.62 -5.35 -4.62
N LEU A 126 11.65 -4.52 -3.57
CA LEU A 126 10.97 -3.22 -3.62
C LEU A 126 11.56 -2.31 -4.69
N LEU A 127 12.88 -2.28 -4.81
CA LEU A 127 13.51 -1.50 -5.88
C LEU A 127 13.18 -2.00 -7.28
N ALA A 128 13.14 -3.33 -7.46
CA ALA A 128 12.83 -3.90 -8.78
C ALA A 128 11.40 -3.56 -9.18
N THR A 129 10.45 -3.67 -8.25
CA THR A 129 9.08 -3.36 -8.57
C THR A 129 8.90 -1.89 -8.88
N THR A 130 9.58 -1.03 -8.11
CA THR A 130 9.62 0.40 -8.35
C THR A 130 10.12 0.67 -9.77
N SER A 131 11.17 -0.06 -10.17
CA SER A 131 11.74 0.09 -11.52
C SER A 131 10.74 -0.27 -12.60
N ARG A 132 9.91 -1.30 -12.37
CA ARG A 132 8.89 -1.68 -13.34
C ARG A 132 7.83 -0.58 -13.49
N PHE A 133 7.42 0.03 -12.37
CA PHE A 133 6.49 1.15 -12.39
C PHE A 133 7.09 2.37 -13.11
N ARG A 134 8.37 2.60 -12.90
CA ARG A 134 9.08 3.65 -13.62
C ARG A 134 9.06 3.42 -15.13
N GLU A 135 9.35 2.19 -15.54
CA GLU A 135 9.40 1.82 -16.97
C GLU A 135 8.04 1.97 -17.62
N LEU A 136 7.00 1.64 -16.86
CA LEU A 136 5.62 1.83 -17.29
C LEU A 136 5.18 3.30 -17.30
N LYS A 137 5.97 4.18 -16.69
CA LYS A 137 5.61 5.58 -16.54
C LYS A 137 4.22 5.70 -15.88
N LEU A 138 4.14 5.08 -14.72
CA LEU A 138 2.92 5.10 -13.90
C LEU A 138 2.46 6.53 -13.68
N GLN A 139 1.19 6.77 -13.94
CA GLN A 139 0.61 8.10 -13.80
C GLN A 139 0.09 8.36 -12.42
N HIS A 140 -0.03 9.64 -12.08
CA HIS A 140 -0.65 10.03 -10.79
C HIS A 140 -2.03 9.39 -10.62
N LYS A 141 -2.85 9.51 -11.67
CA LYS A 141 -4.21 9.01 -11.60
C LYS A 141 -4.24 7.48 -11.48
N GLU A 142 -3.29 6.80 -12.14
CA GLU A 142 -3.19 5.36 -12.01
C GLU A 142 -2.78 4.91 -10.63
N TYR A 143 -1.80 5.60 -10.06
CA TYR A 143 -1.36 5.31 -8.70
C TYR A 143 -2.52 5.38 -7.73
N LEU A 144 -3.30 6.46 -7.83
CA LEU A 144 -4.44 6.63 -6.94
C LEU A 144 -5.40 5.43 -7.05
N CYS A 145 -5.75 5.08 -8.29
CA CYS A 145 -6.60 3.94 -8.52
C CYS A 145 -6.04 2.64 -7.98
N VAL A 146 -4.79 2.33 -8.26
CA VAL A 146 -4.26 1.01 -7.85
C VAL A 146 -4.13 0.91 -6.33
N LYS A 147 -3.81 2.01 -5.63
CA LYS A 147 -3.78 1.97 -4.18
C LYS A 147 -5.15 1.68 -3.58
N ALA A 148 -6.19 2.31 -4.10
CA ALA A 148 -7.56 1.99 -3.68
C ALA A 148 -8.00 0.56 -4.04
N MET A 149 -7.59 0.07 -5.20
CA MET A 149 -7.89 -1.32 -5.59
C MET A 149 -7.26 -2.33 -4.63
N ILE A 150 -6.04 -2.04 -4.18
CA ILE A 150 -5.40 -2.85 -3.18
C ILE A 150 -6.28 -2.96 -1.93
N LEU A 151 -6.70 -1.82 -1.40
CA LEU A 151 -7.55 -1.81 -0.19
C LEU A 151 -8.84 -2.57 -0.40
N LEU A 152 -9.43 -2.42 -1.59
CA LEU A 152 -10.75 -2.99 -1.86
C LEU A 152 -10.67 -4.44 -2.35
N ASN A 153 -9.49 -5.03 -2.20
CA ASN A 153 -9.30 -6.48 -2.24
C ASN A 153 -9.38 -6.97 -3.67
N SER A 154 -8.76 -6.21 -4.56
CA SER A 154 -8.54 -6.70 -5.91
C SER A 154 -7.78 -8.07 -5.93
N SER A 155 -6.97 -8.34 -4.89
CA SER A 155 -6.34 -9.67 -4.71
C SER A 155 -7.35 -10.79 -4.47
N MET A 156 -8.53 -10.44 -3.99
CA MET A 156 -9.59 -11.40 -3.73
C MET A 156 -9.23 -12.40 -2.62
N TYR A 157 -8.55 -11.89 -1.60
CA TYR A 157 -8.32 -12.67 -0.39
C TYR A 157 -9.68 -12.98 0.24
N PRO A 158 -9.93 -14.24 0.64
CA PRO A 158 -11.22 -14.52 1.29
C PRO A 158 -11.31 -13.78 2.62
N LEU A 159 -12.34 -12.96 2.78
CA LEU A 159 -12.55 -12.28 4.05
C LEU A 159 -13.34 -13.17 5.01
N ALA A 166 -24.82 -10.67 3.45
CA ALA A 166 -24.29 -10.58 2.10
C ALA A 166 -24.26 -9.13 1.60
N GLU A 167 -25.04 -8.25 2.22
CA GLU A 167 -25.11 -6.85 1.77
C GLU A 167 -23.72 -6.22 1.66
N SER A 168 -22.89 -6.43 2.67
CA SER A 168 -21.54 -5.84 2.67
C SER A 168 -20.65 -6.39 1.54
N SER A 169 -20.75 -7.69 1.27
CA SER A 169 -19.93 -8.30 0.21
C SER A 169 -20.36 -7.77 -1.16
N ARG A 170 -21.66 -7.57 -1.33
CA ARG A 170 -22.20 -7.05 -2.58
C ARG A 170 -21.74 -5.62 -2.79
N LYS A 171 -21.79 -4.83 -1.73
CA LYS A 171 -21.31 -3.46 -1.74
C LYS A 171 -19.84 -3.41 -2.11
N LEU A 172 -19.03 -4.26 -1.48
CA LEU A 172 -17.58 -4.26 -1.74
C LEU A 172 -17.29 -4.52 -3.20
N THR A 173 -17.99 -5.50 -3.77
CA THR A 173 -17.84 -5.81 -5.21
C THR A 173 -18.11 -4.57 -6.07
N HIS A 174 -19.19 -3.86 -5.74
CA HIS A 174 -19.54 -2.60 -6.39
C HIS A 174 -18.44 -1.54 -6.29
N LEU A 175 -17.87 -1.40 -5.09
CA LEU A 175 -16.82 -0.41 -4.87
C LEU A 175 -15.58 -0.76 -5.64
N LEU A 176 -15.19 -2.03 -5.59
CA LEU A 176 -14.01 -2.48 -6.33
C LEU A 176 -14.22 -2.29 -7.83
N ASN A 177 -15.41 -2.66 -8.32
CA ASN A 177 -15.72 -2.48 -9.75
C ASN A 177 -15.63 -1.02 -10.15
N ALA A 178 -16.07 -0.12 -9.28
CA ALA A 178 -16.03 1.31 -9.57
C ALA A 178 -14.62 1.82 -9.74
N VAL A 179 -13.71 1.41 -8.85
CA VAL A 179 -12.32 1.84 -8.96
C VAL A 179 -11.66 1.21 -10.18
N THR A 180 -11.99 -0.04 -10.49
CA THR A 180 -11.45 -0.70 -11.69
C THR A 180 -11.89 0.02 -12.95
N ASP A 181 -13.17 0.37 -12.99
CA ASP A 181 -13.73 1.18 -14.10
C ASP A 181 -12.96 2.49 -14.23
N ALA A 182 -12.64 3.12 -13.11
CA ALA A 182 -11.88 4.38 -13.15
C ALA A 182 -10.47 4.21 -13.71
N LEU A 183 -9.80 3.14 -13.29
CA LEU A 183 -8.50 2.76 -13.86
C LEU A 183 -8.56 2.52 -15.37
N VAL A 184 -9.57 1.77 -15.83
CA VAL A 184 -9.78 1.58 -17.26
C VAL A 184 -9.97 2.91 -17.99
N TRP A 185 -10.78 3.80 -17.41
CA TRP A 185 -11.01 5.13 -17.94
C TRP A 185 -9.70 5.97 -18.04
N VAL A 186 -8.89 5.92 -17.01
CA VAL A 186 -7.61 6.63 -16.99
C VAL A 186 -6.72 6.13 -18.11
N ILE A 187 -6.61 4.81 -18.22
CA ILE A 187 -5.79 4.22 -19.27
C ILE A 187 -6.29 4.61 -20.66
N ALA A 188 -7.62 4.63 -20.83
CA ALA A 188 -8.24 4.99 -22.10
C ALA A 188 -7.89 6.41 -22.55
N LYS A 189 -7.61 7.29 -21.59
CA LYS A 189 -7.27 8.68 -21.88
C LYS A 189 -5.88 8.82 -22.49
N SER A 190 -5.01 7.85 -22.27
CA SER A 190 -3.68 7.86 -22.87
C SER A 190 -3.69 7.78 -24.40
N GLY A 191 -4.79 7.32 -24.99
CA GLY A 191 -4.92 7.27 -26.44
C GLY A 191 -4.15 6.17 -27.12
N ILE A 192 -3.54 5.25 -26.36
CA ILE A 192 -2.81 4.14 -26.95
C ILE A 192 -3.84 3.12 -27.47
N SER A 193 -3.40 2.18 -28.29
CA SER A 193 -4.31 1.21 -28.91
C SER A 193 -5.08 0.43 -27.85
N SER A 194 -6.23 -0.11 -28.24
CA SER A 194 -6.98 -0.95 -27.30
C SER A 194 -6.14 -2.13 -26.84
N GLN A 195 -5.37 -2.70 -27.77
CA GLN A 195 -4.45 -3.81 -27.42
C GLN A 195 -3.48 -3.37 -26.33
N GLN A 196 -2.84 -2.23 -26.53
CA GLN A 196 -1.89 -1.72 -25.52
C GLN A 196 -2.53 -1.33 -24.18
N GLN A 197 -3.77 -0.82 -24.21
CA GLN A 197 -4.52 -0.52 -23.01
C GLN A 197 -4.78 -1.77 -22.18
N SER A 198 -5.15 -2.85 -22.86
CA SER A 198 -5.38 -4.14 -22.19
C SER A 198 -4.07 -4.70 -21.59
N VAL A 199 -3.00 -4.63 -22.36
CA VAL A 199 -1.71 -5.12 -21.86
C VAL A 199 -1.23 -4.32 -20.62
N ARG A 200 -1.39 -3.01 -20.68
CA ARG A 200 -1.03 -2.13 -19.56
C ARG A 200 -1.81 -2.49 -18.30
N LEU A 201 -3.11 -2.67 -18.44
CA LEU A 201 -3.94 -3.10 -17.31
C LEU A 201 -3.47 -4.44 -16.76
N ALA A 202 -3.26 -5.43 -17.63
CA ALA A 202 -2.70 -6.70 -17.19
C ALA A 202 -1.40 -6.53 -16.41
N ASN A 203 -0.49 -5.72 -16.93
CA ASN A 203 0.83 -5.55 -16.31
C ASN A 203 0.68 -4.92 -14.91
N LEU A 204 -0.21 -3.95 -14.81
CA LEU A 204 -0.47 -3.27 -13.51
C LEU A 204 -1.04 -4.26 -12.51
N LEU A 205 -2.02 -5.05 -12.92
CA LEU A 205 -2.63 -6.03 -12.02
C LEU A 205 -1.64 -7.09 -11.57
N MET A 206 -0.79 -7.53 -12.51
CA MET A 206 0.25 -8.50 -12.18
C MET A 206 1.30 -7.92 -11.21
N LEU A 207 1.63 -6.65 -11.39
CA LEU A 207 2.48 -5.96 -10.39
C LEU A 207 1.84 -5.87 -9.00
N LEU A 208 0.53 -5.62 -8.92
CA LEU A 208 -0.15 -5.65 -7.63
C LEU A 208 -0.07 -7.02 -6.96
N SER A 209 -0.20 -8.08 -7.76
CA SER A 209 -0.05 -9.43 -7.25
C SER A 209 1.37 -9.61 -6.70
N HIS A 210 2.35 -9.07 -7.41
CA HIS A 210 3.72 -9.16 -6.95
C HIS A 210 3.92 -8.40 -5.62
N VAL A 211 3.34 -7.22 -5.53
CA VAL A 211 3.41 -6.45 -4.26
C VAL A 211 2.85 -7.25 -3.08
N ARG A 212 1.76 -7.98 -3.31
CA ARG A 212 1.21 -8.87 -2.28
C ARG A 212 2.23 -9.88 -1.82
N HIS A 213 2.93 -10.50 -2.76
CA HIS A 213 3.99 -11.42 -2.41
C HIS A 213 5.12 -10.77 -1.61
N ILE A 214 5.56 -9.58 -2.03
CA ILE A 214 6.60 -8.86 -1.27
C ILE A 214 6.10 -8.52 0.14
N SER A 215 4.85 -8.07 0.24
CA SER A 215 4.21 -7.82 1.55
C SER A 215 4.26 -9.05 2.45
N ASN A 216 3.86 -10.22 1.95
CA ASN A 216 3.97 -11.47 2.75
C ASN A 216 5.38 -11.67 3.28
N LYS A 217 6.38 -11.46 2.43
CA LYS A 217 7.79 -11.60 2.82
C LYS A 217 8.20 -10.55 3.88
N GLY A 218 7.74 -9.32 3.70
CA GLY A 218 8.04 -8.22 4.61
C GLY A 218 7.45 -8.46 5.99
N MET A 219 6.21 -8.93 6.02
CA MET A 219 5.59 -9.23 7.32
C MET A 219 6.24 -10.38 8.04
N GLU A 220 6.62 -11.42 7.30
CA GLU A 220 7.39 -12.53 7.85
C GLU A 220 8.70 -12.00 8.46
N HIS A 221 9.38 -11.11 7.75
CA HIS A 221 10.64 -10.52 8.24
C HIS A 221 10.44 -9.66 9.51
N LEU A 222 9.41 -8.82 9.51
CA LEU A 222 9.08 -8.01 10.70
C LEU A 222 8.81 -8.91 11.89
N LEU A 223 7.94 -9.89 11.71
CA LEU A 223 7.66 -10.88 12.78
C LEU A 223 8.92 -11.58 13.28
N SER A 224 9.86 -11.87 12.37
CA SER A 224 11.14 -12.46 12.78
C SER A 224 11.96 -11.50 13.66
N MET A 225 12.07 -10.24 13.22
CA MET A 225 12.77 -9.21 13.99
C MET A 225 12.14 -8.98 15.37
N LYS A 226 10.81 -9.01 15.44
CA LYS A 226 10.10 -8.95 16.72
C LYS A 226 10.47 -10.15 17.60
N CYS A 227 10.25 -11.35 17.07
CA CYS A 227 10.48 -12.61 17.78
C CYS A 227 11.92 -12.75 18.29
N LYS A 228 12.89 -12.32 17.49
CA LYS A 228 14.32 -12.32 17.87
C LYS A 228 14.71 -11.14 18.78
N ASN A 229 13.73 -10.31 19.19
CA ASN A 229 13.98 -9.14 20.05
C ASN A 229 14.98 -8.14 19.47
N VAL A 230 15.00 -8.05 18.14
CA VAL A 230 15.83 -7.07 17.45
C VAL A 230 15.18 -5.69 17.55
N VAL A 231 13.85 -5.68 17.52
CA VAL A 231 13.08 -4.45 17.70
C VAL A 231 11.79 -4.72 18.49
N PRO A 232 11.43 -3.80 19.41
CA PRO A 232 10.10 -3.87 20.01
C PRO A 232 9.04 -3.46 18.99
N VAL A 233 7.84 -4.02 19.10
CA VAL A 233 6.70 -3.60 18.28
C VAL A 233 5.52 -3.27 19.20
N TYR A 234 5.02 -2.04 19.07
CA TYR A 234 3.96 -1.52 19.93
C TYR A 234 2.74 -1.06 19.14
N ASP A 235 1.64 -0.89 19.88
CA ASP A 235 0.49 -0.09 19.45
C ASP A 235 -0.14 -0.61 18.16
N LEU A 236 -0.40 0.28 17.20
CA LEU A 236 -1.16 -0.11 16.01
C LEU A 236 -0.40 -1.11 15.13
N LEU A 237 0.91 -0.92 14.97
CA LEU A 237 1.72 -1.85 14.18
C LEU A 237 1.66 -3.25 14.81
N LEU A 238 1.75 -3.28 16.13
CA LEU A 238 1.63 -4.55 16.85
C LEU A 238 0.31 -5.22 16.51
N GLU A 239 -0.78 -4.48 16.67
CA GLU A 239 -2.13 -4.97 16.35
C GLU A 239 -2.26 -5.54 14.92
N MET A 240 -1.68 -4.84 13.93
CA MET A 240 -1.74 -5.29 12.53
C MET A 240 -0.81 -6.47 12.28
N LEU A 241 0.34 -6.48 12.95
CA LEU A 241 1.29 -7.58 12.82
C LEU A 241 0.69 -8.86 13.42
N ASN A 242 0.15 -8.73 14.64
CA ASN A 242 -0.55 -9.82 15.33
C ASN A 242 -1.67 -10.47 14.51
N ALA A 243 -2.28 -9.73 13.60
CA ALA A 243 -3.30 -10.26 12.72
C ALA A 243 -2.72 -11.21 11.65
N HIS A 244 -1.44 -11.07 11.33
CA HIS A 244 -0.75 -11.98 10.41
C HIS A 244 -0.26 -13.23 11.15
N GLN B 6 -4.65 5.00 20.01
CA GLN B 6 -5.96 4.45 19.56
C GLN B 6 -5.76 3.18 18.71
N SER B 7 -6.67 2.22 18.91
CA SER B 7 -6.63 0.92 18.27
C SER B 7 -7.28 1.01 16.89
N LEU B 8 -7.13 -0.04 16.10
CA LEU B 8 -7.79 -0.12 14.80
C LEU B 8 -9.29 0.15 14.88
N ILE B 9 -9.99 -0.52 15.81
CA ILE B 9 -11.43 -0.32 15.89
C ILE B 9 -11.80 1.12 16.28
N ASN B 10 -11.05 1.70 17.21
CA ASN B 10 -11.36 3.05 17.68
C ASN B 10 -11.11 4.07 16.57
N LEU B 11 -10.04 3.84 15.83
CA LEU B 11 -9.72 4.67 14.66
C LEU B 11 -10.78 4.56 13.58
N LEU B 12 -11.32 3.35 13.38
CA LEU B 12 -12.38 3.17 12.36
C LEU B 12 -13.70 3.79 12.81
N ALA B 13 -13.98 3.68 14.10
CA ALA B 13 -15.24 4.15 14.66
C ALA B 13 -15.20 5.64 14.98
N ASP B 14 -13.99 6.18 15.16
CA ASP B 14 -13.78 7.61 15.46
C ASP B 14 -14.30 8.52 14.34
#